data_2LYW
#
_entry.id   2LYW
#
loop_
_entity.id
_entity.type
_entity.pdbx_description
1 polymer 'Neurotensin receptor type 1'
2 polymer Neurotensin
#
loop_
_entity_poly.entity_id
_entity_poly.type
_entity_poly.pdbx_seq_one_letter_code
_entity_poly.pdbx_strand_id
1 'polypeptide(L)' VRRLMFSYISDEQWTPFLYDFYHY A
2 'polypeptide(L)' (PCA)LYENKPRRPYIL B
#
# COMPACT_ATOMS: atom_id res chain seq x y z
N VAL A 1 9.34 -15.47 -3.73
CA VAL A 1 7.86 -15.51 -3.68
C VAL A 1 7.29 -14.09 -3.35
N ARG A 2 6.08 -13.78 -3.87
CA ARG A 2 5.40 -12.48 -3.63
C ARG A 2 4.70 -12.41 -2.24
N ARG A 3 4.57 -11.19 -1.68
CA ARG A 3 3.85 -10.96 -0.39
C ARG A 3 2.34 -10.70 -0.67
N LEU A 4 1.50 -11.76 -0.61
CA LEU A 4 0.03 -11.66 -0.91
C LEU A 4 -0.71 -10.86 0.20
N MET A 5 -1.13 -9.63 -0.12
CA MET A 5 -1.62 -8.65 0.89
C MET A 5 -2.89 -7.94 0.36
N PHE A 6 -4.03 -8.09 1.06
CA PHE A 6 -5.35 -7.55 0.61
C PHE A 6 -6.31 -7.31 1.81
N SER A 7 -6.73 -8.36 2.56
CA SER A 7 -7.65 -8.21 3.71
C SER A 7 -6.89 -7.79 5.01
N TYR A 8 -6.02 -8.65 5.58
CA TYR A 8 -5.21 -8.30 6.77
C TYR A 8 -3.85 -7.71 6.28
N ILE A 9 -3.73 -6.37 6.30
CA ILE A 9 -2.57 -5.65 5.70
C ILE A 9 -1.49 -5.47 6.83
N SER A 10 -0.57 -6.45 6.93
CA SER A 10 0.52 -6.44 7.95
C SER A 10 1.80 -5.71 7.41
N ASP A 11 1.76 -4.37 7.43
CA ASP A 11 2.84 -3.49 6.91
C ASP A 11 3.07 -2.28 7.87
N GLU A 12 4.32 -1.78 7.93
CA GLU A 12 4.72 -0.71 8.89
C GLU A 12 4.21 0.71 8.44
N GLN A 13 5.01 1.49 7.70
CA GLN A 13 4.67 2.91 7.32
C GLN A 13 3.85 3.01 6.01
N TRP A 14 3.12 4.13 5.85
CA TRP A 14 2.35 4.47 4.62
C TRP A 14 3.15 4.90 3.34
N THR A 15 4.46 5.22 3.42
CA THR A 15 5.18 5.98 2.36
C THR A 15 5.25 5.27 0.96
N PRO A 16 5.09 5.98 -0.21
CA PRO A 16 5.15 5.34 -1.55
C PRO A 16 6.59 5.03 -2.03
N PHE A 17 7.11 3.86 -1.62
CA PHE A 17 8.50 3.40 -1.94
C PHE A 17 8.82 3.22 -3.45
N LEU A 18 7.94 2.53 -4.20
CA LEU A 18 8.08 2.30 -5.66
C LEU A 18 6.71 2.62 -6.35
N TYR A 19 6.78 3.06 -7.63
CA TYR A 19 5.56 3.48 -8.40
C TYR A 19 4.91 2.27 -9.14
N ASP A 20 4.33 1.33 -8.37
CA ASP A 20 3.69 0.10 -8.91
C ASP A 20 2.14 0.30 -8.94
N PHE A 21 1.39 -0.16 -7.92
CA PHE A 21 -0.10 -0.05 -7.87
C PHE A 21 -0.52 0.91 -6.71
N TYR A 22 -0.34 0.52 -5.43
CA TYR A 22 -0.73 1.37 -4.26
C TYR A 22 0.40 2.38 -3.94
N HIS A 23 0.27 3.62 -4.46
CA HIS A 23 1.30 4.69 -4.30
C HIS A 23 0.56 6.01 -3.93
N TYR A 24 0.50 6.32 -2.62
CA TYR A 24 -0.22 7.50 -2.09
C TYR A 24 0.80 8.37 -1.34
N LEU B 2 -18.43 11.47 0.90
CA LEU B 2 -18.14 10.05 1.24
C LEU B 2 -17.16 9.43 0.19
N TYR B 3 -15.85 9.59 0.47
CA TYR B 3 -14.75 9.05 -0.37
C TYR B 3 -13.66 8.47 0.58
N GLU B 4 -13.23 7.22 0.33
CA GLU B 4 -12.26 6.51 1.21
C GLU B 4 -10.78 6.81 0.81
N ASN B 5 -10.33 8.04 1.14
CA ASN B 5 -8.98 8.54 0.81
C ASN B 5 -8.06 8.37 2.05
N LYS B 6 -7.32 7.25 2.07
CA LYS B 6 -6.36 6.91 3.16
C LYS B 6 -4.94 6.65 2.56
N PRO B 7 -3.79 7.02 3.21
CA PRO B 7 -2.43 6.82 2.65
C PRO B 7 -1.94 5.34 2.69
N ARG B 8 -1.63 4.79 1.50
CA ARG B 8 -1.33 3.35 1.31
C ARG B 8 0.07 3.17 0.64
N ARG B 9 0.93 2.36 1.30
CA ARG B 9 2.23 1.90 0.73
C ARG B 9 2.08 0.81 -0.41
N PRO B 10 3.11 0.47 -1.25
CA PRO B 10 2.98 -0.57 -2.32
C PRO B 10 2.94 -2.05 -1.81
N TYR B 11 1.74 -2.49 -1.43
CA TYR B 11 1.47 -3.88 -0.95
C TYR B 11 0.83 -4.72 -2.11
N ILE B 12 1.46 -5.85 -2.48
CA ILE B 12 1.08 -6.60 -3.72
C ILE B 12 -0.14 -7.56 -3.47
N LEU B 13 -1.30 -7.20 -4.03
CA LEU B 13 -2.58 -7.96 -3.87
C LEU B 13 -2.74 -9.17 -4.80
N VAL A 1 4.73 -5.72 -5.35
CA VAL A 1 4.69 -6.47 -6.63
C VAL A 1 4.03 -7.86 -6.38
N ARG A 2 4.74 -8.79 -5.74
CA ARG A 2 4.17 -10.13 -5.45
C ARG A 2 4.66 -10.57 -4.05
N ARG A 3 3.74 -11.05 -3.22
CA ARG A 3 4.08 -11.50 -1.84
C ARG A 3 3.23 -12.74 -1.47
N LEU A 4 3.88 -13.77 -0.95
CA LEU A 4 3.19 -15.00 -0.53
C LEU A 4 2.52 -14.85 0.86
N MET A 5 1.71 -15.85 1.26
CA MET A 5 1.02 -15.80 2.56
C MET A 5 2.00 -16.06 3.73
N PHE A 6 2.37 -14.98 4.42
CA PHE A 6 3.33 -15.04 5.55
C PHE A 6 2.62 -15.11 6.93
N SER A 7 3.09 -16.01 7.79
CA SER A 7 2.52 -16.17 9.14
C SER A 7 2.88 -15.01 10.11
N TYR A 8 4.17 -14.67 10.23
CA TYR A 8 4.60 -13.55 11.10
C TYR A 8 4.38 -12.23 10.34
N ILE A 9 3.55 -11.34 10.90
CA ILE A 9 3.20 -10.06 10.22
C ILE A 9 4.40 -9.09 9.99
N SER A 10 4.96 -9.15 8.78
CA SER A 10 6.09 -8.27 8.39
C SER A 10 5.71 -7.51 7.09
N ASP A 11 4.79 -6.55 7.20
CA ASP A 11 4.34 -5.76 6.03
C ASP A 11 5.23 -4.52 5.79
N GLU A 12 5.33 -4.09 4.52
CA GLU A 12 6.21 -2.95 4.13
C GLU A 12 5.57 -1.55 4.28
N GLN A 13 5.19 -1.16 5.50
CA GLN A 13 4.58 0.17 5.72
C GLN A 13 5.64 1.28 5.99
N TRP A 14 6.56 1.47 5.05
CA TRP A 14 7.61 2.49 5.17
C TRP A 14 7.99 2.97 3.75
N THR A 15 7.39 4.07 3.28
CA THR A 15 7.70 4.60 1.93
C THR A 15 7.59 6.15 1.93
N PRO A 16 8.68 6.94 1.83
CA PRO A 16 8.59 8.42 1.77
C PRO A 16 7.63 8.97 0.69
N PHE A 17 7.73 8.46 -0.54
CA PHE A 17 6.79 8.83 -1.62
C PHE A 17 5.66 7.77 -1.58
N LEU A 18 4.44 8.20 -1.26
CA LEU A 18 3.30 7.27 -1.13
C LEU A 18 2.83 6.68 -2.50
N TYR A 19 2.47 5.40 -2.46
CA TYR A 19 1.95 4.69 -3.65
C TYR A 19 0.41 4.87 -3.62
N ASP A 20 -0.09 5.92 -4.29
CA ASP A 20 -1.54 6.23 -4.25
C ASP A 20 -2.40 5.37 -5.21
N PHE A 21 -2.55 4.10 -4.86
CA PHE A 21 -3.38 3.15 -5.63
C PHE A 21 -4.47 2.60 -4.68
N TYR A 22 -5.72 2.56 -5.14
CA TYR A 22 -6.83 2.07 -4.30
C TYR A 22 -6.73 0.54 -4.00
N HIS A 23 -6.70 -0.31 -5.04
CA HIS A 23 -6.55 -1.77 -4.83
C HIS A 23 -5.37 -2.29 -5.67
N TYR A 24 -4.18 -2.30 -5.07
CA TYR A 24 -2.94 -2.80 -5.72
C TYR A 24 -2.35 -1.83 -6.77
N LEU B 2 -15.65 3.76 -1.71
CA LEU B 2 -15.27 4.61 -0.56
C LEU B 2 -13.75 4.87 -0.59
N TYR B 3 -13.34 6.08 -0.99
CA TYR B 3 -11.91 6.43 -1.07
C TYR B 3 -11.41 6.97 0.30
N GLU B 4 -10.93 6.04 1.14
CA GLU B 4 -10.43 6.41 2.48
C GLU B 4 -8.96 6.92 2.43
N ASN B 5 -8.68 7.98 3.19
CA ASN B 5 -7.29 8.51 3.25
C ASN B 5 -6.57 7.81 4.43
N LYS B 6 -5.89 6.72 4.09
CA LYS B 6 -5.12 5.90 5.06
C LYS B 6 -3.66 5.73 4.52
N PRO B 7 -2.72 5.04 5.22
CA PRO B 7 -1.34 4.86 4.70
C PRO B 7 -1.28 4.08 3.37
N ARG B 8 -1.14 4.79 2.25
CA ARG B 8 -1.11 4.17 0.91
C ARG B 8 0.32 3.73 0.54
N ARG B 9 0.57 2.44 0.72
CA ARG B 9 1.89 1.81 0.46
C ARG B 9 1.79 0.65 -0.58
N PRO B 10 2.87 0.15 -1.19
CA PRO B 10 2.78 -0.89 -2.24
C PRO B 10 2.67 -2.34 -1.72
N TYR B 11 1.48 -2.72 -1.26
CA TYR B 11 1.22 -4.10 -0.79
C TYR B 11 0.42 -4.84 -1.89
N ILE B 12 1.12 -5.69 -2.65
CA ILE B 12 0.45 -6.46 -3.74
C ILE B 12 0.82 -7.94 -3.54
N LEU B 13 -0.19 -8.82 -3.44
CA LEU B 13 0.06 -10.26 -3.25
C LEU B 13 0.42 -10.96 -4.58
N VAL A 1 2.24 -14.08 -6.12
CA VAL A 1 1.73 -12.68 -6.09
C VAL A 1 1.10 -12.26 -4.72
N ARG A 2 0.20 -13.06 -4.13
CA ARG A 2 -0.60 -12.68 -2.94
C ARG A 2 0.27 -12.58 -1.64
N ARG A 3 0.45 -11.33 -1.13
CA ARG A 3 1.31 -11.04 0.05
C ARG A 3 0.46 -10.99 1.35
N LEU A 4 0.41 -12.12 2.09
CA LEU A 4 -0.32 -12.21 3.39
C LEU A 4 0.60 -11.73 4.56
N MET A 5 0.69 -10.40 4.77
CA MET A 5 1.62 -9.79 5.77
C MET A 5 0.80 -8.96 6.79
N PHE A 6 0.45 -9.58 7.94
CA PHE A 6 -0.42 -8.95 8.97
C PHE A 6 0.13 -9.28 10.38
N SER A 7 -0.13 -10.48 10.93
CA SER A 7 0.43 -10.91 12.25
C SER A 7 1.80 -11.67 12.13
N TYR A 8 2.75 -11.13 11.35
CA TYR A 8 4.05 -11.79 11.02
C TYR A 8 5.18 -10.70 10.99
N ILE A 9 6.43 -11.08 10.66
CA ILE A 9 7.57 -10.12 10.49
C ILE A 9 7.34 -9.34 9.14
N SER A 10 6.79 -8.12 9.25
CA SER A 10 6.12 -7.44 8.12
C SER A 10 6.97 -6.29 7.50
N ASP A 11 6.61 -5.94 6.25
CA ASP A 11 7.29 -4.92 5.41
C ASP A 11 7.24 -3.46 5.98
N GLU A 12 8.25 -2.64 5.61
CA GLU A 12 8.43 -1.24 6.10
C GLU A 12 7.49 -0.23 5.37
N GLN A 13 7.34 1.02 5.89
CA GLN A 13 6.46 2.06 5.28
C GLN A 13 7.14 2.75 4.04
N TRP A 14 6.99 2.08 2.87
CA TRP A 14 7.61 2.50 1.59
C TRP A 14 6.74 3.54 0.79
N THR A 15 7.19 3.87 -0.45
CA THR A 15 6.64 4.96 -1.31
C THR A 15 5.08 4.88 -1.54
N PRO A 16 4.25 5.92 -1.21
CA PRO A 16 2.78 5.91 -1.46
C PRO A 16 2.30 5.61 -2.91
N PHE A 17 1.28 4.72 -2.96
CA PHE A 17 0.49 4.26 -4.13
C PHE A 17 0.62 4.88 -5.56
N LEU A 18 0.50 6.21 -5.70
CA LEU A 18 0.49 6.88 -7.03
C LEU A 18 1.94 7.20 -7.54
N TYR A 19 2.65 6.14 -8.00
CA TYR A 19 4.05 6.26 -8.50
C TYR A 19 4.20 5.32 -9.74
N ASP A 20 4.48 4.03 -9.52
CA ASP A 20 4.51 2.95 -10.55
C ASP A 20 3.34 1.92 -10.36
N PHE A 21 3.02 1.51 -9.12
CA PHE A 21 1.89 0.60 -8.79
C PHE A 21 0.51 1.00 -9.40
N TYR A 22 -0.01 2.22 -9.13
CA TYR A 22 -1.26 2.72 -9.74
C TYR A 22 -0.96 4.08 -10.42
N HIS A 23 -0.65 4.04 -11.74
CA HIS A 23 -0.33 5.25 -12.54
C HIS A 23 -1.17 5.30 -13.85
N TYR A 24 -1.26 6.51 -14.45
CA TYR A 24 -1.84 6.72 -15.79
C TYR A 24 -0.71 6.72 -16.84
N LEU B 2 -5.31 15.59 15.64
CA LEU B 2 -4.50 14.34 15.73
C LEU B 2 -5.00 13.33 14.65
N TYR B 3 -4.37 13.37 13.46
CA TYR B 3 -4.80 12.56 12.29
C TYR B 3 -4.06 11.19 12.29
N GLU B 4 -4.66 10.18 12.94
CA GLU B 4 -4.11 8.80 13.00
C GLU B 4 -4.54 7.98 11.74
N ASN B 5 -3.74 8.12 10.67
CA ASN B 5 -4.00 7.49 9.35
C ASN B 5 -2.63 7.04 8.76
N LYS B 6 -2.46 5.72 8.56
CA LYS B 6 -1.24 5.15 7.91
C LYS B 6 -1.38 5.22 6.35
N PRO B 7 -0.48 5.85 5.55
CA PRO B 7 -0.59 5.91 4.06
C PRO B 7 -0.69 4.56 3.29
N ARG B 8 -1.24 4.61 2.06
CA ARG B 8 -1.40 3.42 1.19
C ARG B 8 -0.06 3.12 0.48
N ARG B 9 0.71 2.14 0.98
CA ARG B 9 2.08 1.84 0.46
C ARG B 9 2.09 0.76 -0.69
N PRO B 10 3.25 0.22 -1.19
CA PRO B 10 3.30 -0.86 -2.22
C PRO B 10 2.94 -2.30 -1.73
N TYR B 11 1.73 -2.49 -1.19
CA TYR B 11 1.27 -3.78 -0.64
C TYR B 11 0.57 -4.57 -1.79
N ILE B 12 1.37 -5.38 -2.52
CA ILE B 12 0.91 -6.06 -3.76
C ILE B 12 0.18 -7.38 -3.35
N LEU B 13 -1.14 -7.28 -3.15
CA LEU B 13 -1.98 -8.41 -2.67
C LEU B 13 -2.70 -8.97 -3.92
N VAL A 1 1.77 -10.93 -2.39
CA VAL A 1 2.66 -11.52 -3.42
C VAL A 1 2.32 -10.87 -4.79
N ARG A 2 1.54 -11.51 -5.66
CA ARG A 2 1.20 -10.93 -6.98
C ARG A 2 -0.21 -11.38 -7.40
N ARG A 3 -1.20 -10.50 -7.24
CA ARG A 3 -2.60 -10.80 -7.63
C ARG A 3 -3.30 -9.55 -8.20
N LEU A 4 -4.45 -9.76 -8.86
CA LEU A 4 -5.24 -8.64 -9.43
C LEU A 4 -6.02 -7.88 -8.31
N MET A 5 -6.93 -6.98 -8.68
CA MET A 5 -7.70 -6.21 -7.68
C MET A 5 -8.81 -7.10 -7.04
N PHE A 6 -8.63 -7.45 -5.76
CA PHE A 6 -9.61 -8.30 -5.04
C PHE A 6 -9.96 -7.68 -3.66
N SER A 7 -11.04 -8.17 -3.05
CA SER A 7 -11.48 -7.65 -1.73
C SER A 7 -10.66 -8.25 -0.56
N TYR A 8 -9.50 -7.65 -0.28
CA TYR A 8 -8.61 -8.12 0.81
C TYR A 8 -8.91 -7.41 2.17
N ILE A 9 -8.19 -7.82 3.22
CA ILE A 9 -8.40 -7.24 4.58
C ILE A 9 -7.88 -5.78 4.64
N SER A 10 -8.67 -4.89 5.24
CA SER A 10 -8.29 -3.46 5.36
C SER A 10 -7.29 -3.22 6.51
N ASP A 11 -6.02 -3.57 6.27
CA ASP A 11 -4.95 -3.40 7.28
C ASP A 11 -4.37 -1.96 7.22
N GLU A 12 -3.45 -1.62 8.14
CA GLU A 12 -2.80 -0.30 8.15
C GLU A 12 -2.10 0.04 6.81
N GLN A 13 -2.19 1.30 6.37
CA GLN A 13 -1.56 1.71 5.10
C GLN A 13 -0.08 2.08 5.35
N TRP A 14 0.77 1.10 5.11
CA TRP A 14 2.23 1.25 5.33
C TRP A 14 2.88 2.06 4.19
N THR A 15 3.23 3.32 4.45
CA THR A 15 3.83 4.19 3.42
C THR A 15 5.36 4.39 3.70
N PRO A 16 6.29 3.66 3.05
CA PRO A 16 7.74 3.85 3.27
C PRO A 16 8.32 5.03 2.44
N PHE A 17 9.63 5.27 2.56
CA PHE A 17 10.28 6.35 1.79
C PHE A 17 10.64 5.87 0.35
N LEU A 18 9.61 5.63 -0.46
CA LEU A 18 9.77 5.17 -1.86
C LEU A 18 8.91 6.04 -2.82
N TYR A 19 9.05 5.82 -4.13
CA TYR A 19 8.26 6.57 -5.12
C TYR A 19 6.87 5.92 -5.31
N ASP A 20 5.83 6.54 -4.74
CA ASP A 20 4.45 6.03 -4.88
C ASP A 20 3.89 6.40 -6.28
N PHE A 21 3.44 5.39 -7.04
CA PHE A 21 2.89 5.64 -8.40
C PHE A 21 1.39 6.04 -8.38
N TYR A 22 1.07 7.08 -7.60
CA TYR A 22 -0.32 7.61 -7.51
C TYR A 22 -0.23 9.14 -7.73
N HIS A 23 -0.18 9.56 -8.99
CA HIS A 23 -0.06 11.00 -9.32
C HIS A 23 -1.19 11.43 -10.30
N TYR A 24 -1.15 10.93 -11.55
CA TYR A 24 -2.17 11.28 -12.55
C TYR A 24 -2.26 10.10 -13.54
N LEU B 2 -11.98 17.58 -6.49
CA LEU B 2 -11.97 16.43 -5.56
C LEU B 2 -10.55 15.83 -5.50
N TYR B 3 -9.77 16.25 -4.50
CA TYR B 3 -8.39 15.76 -4.35
C TYR B 3 -8.36 14.50 -3.46
N GLU B 4 -8.53 13.33 -4.09
CA GLU B 4 -8.54 12.04 -3.35
C GLU B 4 -7.10 11.52 -3.14
N ASN B 5 -6.45 11.95 -2.05
CA ASN B 5 -5.07 11.53 -1.73
C ASN B 5 -4.98 11.14 -0.24
N LYS B 6 -4.94 9.84 0.04
CA LYS B 6 -4.82 9.32 1.42
C LYS B 6 -3.60 8.35 1.52
N PRO B 7 -3.14 7.91 2.72
CA PRO B 7 -1.96 7.01 2.85
C PRO B 7 -1.85 5.83 1.87
N ARG B 8 -0.65 5.66 1.31
CA ARG B 8 -0.40 4.61 0.30
C ARG B 8 0.21 3.33 0.90
N ARG B 9 -0.04 2.19 0.26
CA ARG B 9 0.50 0.89 0.71
C ARG B 9 1.11 0.17 -0.53
N PRO B 10 2.43 0.30 -0.82
CA PRO B 10 3.04 -0.35 -2.02
C PRO B 10 3.25 -1.88 -1.99
N TYR B 11 2.25 -2.64 -1.54
CA TYR B 11 2.34 -4.12 -1.49
C TYR B 11 1.04 -4.74 -2.06
N ILE B 12 1.21 -5.59 -3.07
CA ILE B 12 0.07 -6.33 -3.66
C ILE B 12 -0.01 -7.66 -2.88
N LEU B 13 -1.16 -7.96 -2.28
CA LEU B 13 -1.33 -9.18 -1.46
C LEU B 13 -1.49 -10.45 -2.33
N VAL A 1 5.33 -7.97 -11.21
CA VAL A 1 5.16 -9.34 -10.67
C VAL A 1 4.50 -9.30 -9.24
N ARG A 2 3.16 -9.50 -9.19
CA ARG A 2 2.35 -9.57 -7.93
C ARG A 2 2.84 -10.67 -6.93
N ARG A 3 2.83 -10.34 -5.63
CA ARG A 3 3.34 -11.25 -4.56
C ARG A 3 2.25 -11.33 -3.46
N LEU A 4 1.42 -12.39 -3.48
CA LEU A 4 0.25 -12.54 -2.57
C LEU A 4 0.70 -13.02 -1.16
N MET A 5 1.04 -12.05 -0.29
CA MET A 5 1.58 -12.31 1.07
C MET A 5 0.46 -12.14 2.13
N PHE A 6 -0.42 -13.16 2.27
CA PHE A 6 -1.57 -13.11 3.22
C PHE A 6 -1.13 -13.69 4.60
N SER A 7 -0.74 -12.79 5.53
CA SER A 7 -0.28 -13.18 6.89
C SER A 7 -0.83 -12.16 7.93
N TYR A 8 -0.18 -10.99 8.10
CA TYR A 8 -0.61 -9.94 9.06
C TYR A 8 -0.77 -8.63 8.25
N ILE A 9 -2.03 -8.21 8.00
CA ILE A 9 -2.34 -7.00 7.18
C ILE A 9 -2.28 -5.75 8.12
N SER A 10 -1.10 -5.11 8.18
CA SER A 10 -0.85 -3.89 8.98
C SER A 10 -1.08 -2.58 8.18
N ASP A 11 -0.98 -1.42 8.86
CA ASP A 11 -1.17 -0.07 8.24
C ASP A 11 0.07 0.45 7.42
N GLU A 12 -0.07 1.65 6.81
CA GLU A 12 0.90 2.21 5.84
C GLU A 12 2.30 2.56 6.44
N GLN A 13 3.29 1.71 6.13
CA GLN A 13 4.72 1.88 6.53
C GLN A 13 5.44 3.09 5.83
N TRP A 14 5.30 3.22 4.50
CA TRP A 14 5.74 4.40 3.72
C TRP A 14 4.48 5.06 3.11
N THR A 15 4.40 6.40 3.05
CA THR A 15 3.13 7.11 2.70
C THR A 15 3.15 7.86 1.32
N PRO A 16 3.00 7.21 0.11
CA PRO A 16 2.98 7.91 -1.20
C PRO A 16 1.55 8.32 -1.67
N PHE A 17 1.45 9.53 -2.26
CA PHE A 17 0.15 10.08 -2.76
C PHE A 17 -0.48 9.34 -3.98
N LEU A 18 0.29 9.02 -5.04
CA LEU A 18 -0.21 8.23 -6.20
C LEU A 18 0.15 6.74 -5.99
N TYR A 19 -0.73 6.02 -5.26
CA TYR A 19 -0.53 4.58 -4.91
C TYR A 19 -1.32 3.63 -5.87
N ASP A 20 -1.05 3.71 -7.18
CA ASP A 20 -1.87 3.04 -8.22
C ASP A 20 -1.32 1.62 -8.59
N PHE A 21 -1.31 0.70 -7.60
CA PHE A 21 -0.76 -0.69 -7.76
C PHE A 21 -1.88 -1.73 -8.13
N TYR A 22 -2.48 -1.55 -9.32
CA TYR A 22 -3.66 -2.34 -9.77
C TYR A 22 -3.23 -3.60 -10.60
N HIS A 23 -2.40 -3.42 -11.64
CA HIS A 23 -1.92 -4.51 -12.53
C HIS A 23 -0.36 -4.47 -12.45
N TYR A 24 0.22 -5.42 -11.69
CA TYR A 24 1.68 -5.50 -11.48
C TYR A 24 2.12 -6.92 -11.84
N LEU B 2 -18.68 6.92 4.29
CA LEU B 2 -17.44 6.32 4.87
C LEU B 2 -16.47 5.79 3.78
N TYR B 3 -15.80 6.72 3.08
CA TYR B 3 -14.90 6.39 1.93
C TYR B 3 -13.45 6.66 2.38
N GLU B 4 -12.77 5.60 2.84
CA GLU B 4 -11.39 5.69 3.41
C GLU B 4 -10.32 5.84 2.30
N ASN B 5 -9.98 7.10 1.97
CA ASN B 5 -8.99 7.44 0.91
C ASN B 5 -7.75 8.06 1.61
N LYS B 6 -6.72 7.23 1.83
CA LYS B 6 -5.46 7.61 2.51
C LYS B 6 -4.22 7.19 1.64
N PRO B 7 -3.03 7.85 1.70
CA PRO B 7 -1.85 7.49 0.85
C PRO B 7 -1.09 6.18 1.26
N ARG B 8 -1.63 5.00 0.91
CA ARG B 8 -1.09 3.67 1.34
C ARG B 8 0.19 3.22 0.58
N ARG B 9 1.05 2.44 1.28
CA ARG B 9 2.29 1.84 0.70
C ARG B 9 2.02 0.72 -0.37
N PRO B 10 2.98 0.30 -1.25
CA PRO B 10 2.74 -0.76 -2.27
C PRO B 10 2.76 -2.22 -1.72
N TYR B 11 1.67 -2.60 -1.03
CA TYR B 11 1.43 -3.99 -0.56
C TYR B 11 0.66 -4.75 -1.68
N ILE B 12 1.44 -5.42 -2.56
CA ILE B 12 0.94 -6.08 -3.80
C ILE B 12 0.29 -7.48 -3.53
N LEU B 13 -0.83 -7.48 -2.77
CA LEU B 13 -1.49 -8.71 -2.28
C LEU B 13 -2.33 -9.33 -3.41
N VAL A 1 0.64 -14.32 -6.23
CA VAL A 1 0.18 -12.98 -6.66
C VAL A 1 0.51 -11.87 -5.64
N ARG A 2 0.15 -12.03 -4.36
CA ARG A 2 0.44 -10.99 -3.35
C ARG A 2 1.87 -11.08 -2.75
N ARG A 3 2.37 -9.92 -2.30
CA ARG A 3 3.72 -9.84 -1.69
C ARG A 3 3.64 -10.19 -0.19
N LEU A 4 4.05 -11.41 0.17
CA LEU A 4 4.00 -11.85 1.57
C LEU A 4 5.28 -11.43 2.32
N MET A 5 5.25 -10.20 2.86
CA MET A 5 6.40 -9.65 3.62
C MET A 5 6.00 -9.38 5.09
N PHE A 6 5.02 -8.50 5.34
CA PHE A 6 4.59 -8.20 6.71
C PHE A 6 3.55 -9.24 7.22
N SER A 7 3.94 -10.03 8.22
CA SER A 7 3.02 -11.05 8.79
C SER A 7 1.93 -10.43 9.69
N TYR A 8 2.32 -9.58 10.65
CA TYR A 8 1.35 -8.90 11.53
C TYR A 8 0.98 -7.51 10.94
N ILE A 9 0.07 -6.78 11.59
CA ILE A 9 -0.34 -5.44 11.09
C ILE A 9 0.78 -4.41 11.37
N SER A 10 1.62 -4.16 10.35
CA SER A 10 2.74 -3.21 10.47
C SER A 10 2.34 -1.77 10.07
N ASP A 11 3.23 -0.82 10.37
CA ASP A 11 3.00 0.61 10.04
C ASP A 11 2.82 0.87 8.53
N GLU A 12 2.17 1.98 8.19
CA GLU A 12 1.90 2.34 6.78
C GLU A 12 3.17 2.91 6.11
N GLN A 13 3.83 2.09 5.29
CA GLN A 13 5.07 2.49 4.60
C GLN A 13 4.80 3.43 3.40
N TRP A 14 5.77 4.31 3.11
CA TRP A 14 5.63 5.29 2.00
C TRP A 14 5.53 4.62 0.61
N THR A 15 4.71 5.21 -0.28
CA THR A 15 4.47 4.65 -1.62
C THR A 15 5.03 5.52 -2.78
N PRO A 16 6.12 5.13 -3.47
CA PRO A 16 6.61 5.91 -4.63
C PRO A 16 5.68 5.84 -5.87
N PHE A 17 6.05 6.51 -6.96
CA PHE A 17 5.22 6.48 -8.19
C PHE A 17 5.55 5.22 -9.04
N LEU A 18 5.07 4.07 -8.57
CA LEU A 18 5.30 2.78 -9.23
C LEU A 18 3.97 2.00 -9.41
N TYR A 19 3.98 0.99 -10.28
CA TYR A 19 2.77 0.15 -10.51
C TYR A 19 2.69 -1.03 -9.51
N ASP A 20 2.58 -0.71 -8.22
CA ASP A 20 2.51 -1.72 -7.14
C ASP A 20 1.06 -1.86 -6.62
N PHE A 21 0.65 -0.98 -5.69
CA PHE A 21 -0.70 -1.02 -5.11
C PHE A 21 -1.45 0.31 -5.38
N TYR A 22 -2.75 0.33 -5.10
CA TYR A 22 -3.58 1.55 -5.30
C TYR A 22 -3.20 2.70 -4.33
N HIS A 23 -2.31 3.57 -4.79
CA HIS A 23 -1.85 4.73 -3.99
C HIS A 23 -2.69 5.98 -4.36
N TYR A 24 -3.80 6.14 -3.64
CA TYR A 24 -4.73 7.27 -3.88
C TYR A 24 -5.41 7.61 -2.53
N LEU B 2 -11.57 18.85 -4.24
CA LEU B 2 -10.50 18.79 -3.22
C LEU B 2 -10.17 17.32 -2.89
N TYR B 3 -9.15 16.77 -3.55
CA TYR B 3 -8.76 15.36 -3.33
C TYR B 3 -7.45 15.30 -2.51
N GLU B 4 -7.58 15.10 -1.20
CA GLU B 4 -6.40 14.97 -0.32
C GLU B 4 -5.97 13.49 -0.30
N ASN B 5 -4.97 13.15 -1.14
CA ASN B 5 -4.51 11.74 -1.25
C ASN B 5 -3.82 11.20 0.02
N LYS B 6 -4.05 9.91 0.28
CA LYS B 6 -3.48 9.23 1.46
C LYS B 6 -2.34 8.27 1.02
N PRO B 7 -1.18 8.18 1.73
CA PRO B 7 -0.09 7.29 1.32
C PRO B 7 -0.34 5.80 1.68
N ARG B 8 -1.01 5.09 0.77
CA ARG B 8 -1.33 3.67 0.98
C ARG B 8 -0.12 2.80 0.54
N ARG B 9 0.39 1.97 1.46
CA ARG B 9 1.61 1.16 1.25
C ARG B 9 1.75 0.42 -0.12
N PRO B 10 2.96 0.35 -0.74
CA PRO B 10 3.14 -0.31 -2.05
C PRO B 10 3.32 -1.84 -1.97
N TYR B 11 2.25 -2.54 -1.60
CA TYR B 11 2.28 -4.01 -1.47
C TYR B 11 1.07 -4.62 -2.18
N ILE B 12 1.31 -5.50 -3.16
CA ILE B 12 0.20 -6.16 -3.88
C ILE B 12 -0.50 -7.15 -2.92
N LEU B 13 -1.82 -7.01 -2.76
CA LEU B 13 -2.59 -7.87 -1.85
C LEU B 13 -3.77 -8.52 -2.59
N VAL A 1 4.97 -6.26 -8.49
CA VAL A 1 3.81 -7.10 -8.92
C VAL A 1 3.39 -8.03 -7.77
N ARG A 2 4.24 -8.98 -7.34
CA ARG A 2 3.90 -9.85 -6.19
C ARG A 2 4.97 -9.61 -5.09
N ARG A 3 4.59 -8.84 -4.08
CA ARG A 3 5.51 -8.48 -2.99
C ARG A 3 5.40 -9.49 -1.82
N LEU A 4 6.33 -10.45 -1.78
CA LEU A 4 6.32 -11.49 -0.73
C LEU A 4 6.96 -10.93 0.58
N MET A 5 6.12 -10.27 1.40
CA MET A 5 6.59 -9.67 2.67
C MET A 5 5.86 -10.36 3.85
N PHE A 6 6.41 -11.47 4.31
CA PHE A 6 5.80 -12.23 5.44
C PHE A 6 6.19 -11.64 6.82
N SER A 7 7.49 -11.37 7.06
CA SER A 7 7.94 -10.78 8.34
C SER A 7 7.62 -9.27 8.36
N TYR A 8 6.55 -8.89 9.07
CA TYR A 8 6.11 -7.48 9.11
C TYR A 8 6.94 -6.64 10.10
N ILE A 9 8.03 -6.06 9.58
CA ILE A 9 8.92 -5.20 10.37
C ILE A 9 8.44 -3.73 10.34
N SER A 10 9.01 -2.85 11.17
CA SER A 10 8.60 -1.42 11.19
C SER A 10 9.20 -0.58 10.02
N ASP A 11 8.86 -0.98 8.79
CA ASP A 11 9.33 -0.30 7.56
C ASP A 11 8.13 -0.07 6.61
N GLU A 12 7.56 -1.15 6.04
CA GLU A 12 6.43 -1.02 5.09
C GLU A 12 5.06 -0.84 5.78
N GLN A 13 4.92 0.25 6.54
CA GLN A 13 3.66 0.57 7.26
C GLN A 13 2.79 1.53 6.43
N TRP A 14 3.31 2.72 6.13
CA TRP A 14 2.61 3.72 5.29
C TRP A 14 3.70 4.51 4.53
N THR A 15 4.28 3.86 3.51
CA THR A 15 5.39 4.45 2.73
C THR A 15 4.88 5.36 1.57
N PRO A 16 5.46 6.55 1.30
CA PRO A 16 5.00 7.44 0.21
C PRO A 16 5.35 7.00 -1.23
N PHE A 17 6.38 6.18 -1.43
CA PHE A 17 6.78 5.74 -2.78
C PHE A 17 6.07 4.42 -3.15
N LEU A 18 5.01 4.52 -3.95
CA LEU A 18 4.24 3.32 -4.38
C LEU A 18 4.85 2.78 -5.70
N TYR A 19 5.90 1.96 -5.56
CA TYR A 19 6.63 1.41 -6.73
C TYR A 19 6.32 -0.05 -7.14
N ASP A 20 5.99 -0.96 -6.21
CA ASP A 20 5.73 -2.37 -6.57
C ASP A 20 4.55 -2.63 -7.55
N PHE A 21 3.42 -1.93 -7.39
CA PHE A 21 2.26 -2.11 -8.28
C PHE A 21 2.58 -1.71 -9.74
N TYR A 22 2.01 -2.47 -10.70
CA TYR A 22 2.23 -2.20 -12.14
C TYR A 22 1.57 -0.87 -12.60
N HIS A 23 2.35 -0.03 -13.29
CA HIS A 23 1.82 1.26 -13.79
C HIS A 23 1.97 1.36 -15.32
N TYR A 24 3.21 1.36 -15.83
CA TYR A 24 3.50 1.46 -17.28
C TYR A 24 3.24 2.90 -17.79
N LEU B 2 -8.56 20.44 7.78
CA LEU B 2 -7.46 19.59 8.25
C LEU B 2 -6.96 18.68 7.12
N TYR B 3 -5.78 19.00 6.57
CA TYR B 3 -5.21 18.20 5.46
C TYR B 3 -4.30 17.09 6.03
N GLU B 4 -4.89 15.92 6.29
CA GLU B 4 -4.14 14.76 6.83
C GLU B 4 -3.51 13.98 5.65
N ASN B 5 -2.17 13.90 5.62
CA ASN B 5 -1.48 13.20 4.52
C ASN B 5 -0.82 11.89 5.02
N LYS B 6 -1.53 10.78 4.82
CA LYS B 6 -1.03 9.45 5.21
C LYS B 6 -1.09 8.51 3.99
N PRO B 7 -0.05 8.42 3.12
CA PRO B 7 -0.09 7.57 1.91
C PRO B 7 -0.34 6.05 2.08
N ARG B 8 -0.74 5.42 0.97
CA ARG B 8 -1.02 3.97 0.94
C ARG B 8 0.25 3.21 0.49
N ARG B 9 0.73 2.27 1.31
CA ARG B 9 1.96 1.50 0.98
C ARG B 9 1.76 0.54 -0.24
N PRO B 10 2.81 0.20 -1.03
CA PRO B 10 2.66 -0.72 -2.19
C PRO B 10 2.57 -2.22 -1.81
N TYR B 11 1.55 -2.60 -1.03
CA TYR B 11 1.38 -4.02 -0.62
C TYR B 11 0.47 -4.76 -1.62
N ILE B 12 1.10 -5.44 -2.58
CA ILE B 12 0.36 -6.22 -3.59
C ILE B 12 0.98 -7.64 -3.61
N LEU B 13 0.35 -8.58 -2.91
CA LEU B 13 0.86 -9.97 -2.83
C LEU B 13 0.29 -10.83 -3.98
N VAL A 1 9.86 -8.44 -9.15
CA VAL A 1 9.44 -8.52 -7.73
C VAL A 1 8.10 -9.31 -7.60
N ARG A 2 8.02 -10.20 -6.58
CA ARG A 2 6.79 -11.00 -6.30
C ARG A 2 6.65 -11.15 -4.75
N ARG A 3 5.51 -10.68 -4.21
CA ARG A 3 5.13 -10.84 -2.79
C ARG A 3 4.12 -12.04 -2.62
N LEU A 4 3.98 -12.54 -1.37
CA LEU A 4 3.03 -13.64 -1.02
C LEU A 4 1.52 -13.29 -1.18
N MET A 5 0.65 -14.33 -1.18
CA MET A 5 -0.81 -14.18 -1.41
C MET A 5 -1.59 -13.93 -0.07
N PHE A 6 -1.99 -12.67 0.19
CA PHE A 6 -2.66 -12.24 1.46
C PHE A 6 -4.16 -11.87 1.24
N SER A 7 -5.10 -12.83 1.33
CA SER A 7 -6.54 -12.64 0.91
C SER A 7 -7.28 -11.29 1.17
N TYR A 8 -7.19 -10.72 2.38
CA TYR A 8 -7.76 -9.37 2.72
C TYR A 8 -6.64 -8.28 2.71
N ILE A 9 -6.95 -7.12 2.08
CA ILE A 9 -5.98 -6.01 1.89
C ILE A 9 -5.81 -5.11 3.16
N SER A 10 -4.92 -5.51 4.08
CA SER A 10 -4.75 -4.84 5.41
C SER A 10 -3.33 -4.24 5.74
N ASP A 11 -2.47 -3.90 4.76
CA ASP A 11 -1.11 -3.38 5.06
C ASP A 11 -1.12 -1.82 5.21
N GLU A 12 -1.53 -1.37 6.41
CA GLU A 12 -1.66 0.09 6.76
C GLU A 12 -0.75 0.58 7.95
N GLN A 13 0.17 -0.22 8.53
CA GLN A 13 1.04 0.20 9.68
C GLN A 13 1.77 1.58 9.52
N TRP A 14 2.71 1.70 8.57
CA TRP A 14 3.38 2.99 8.22
C TRP A 14 2.59 3.69 7.07
N THR A 15 2.38 5.02 7.16
CA THR A 15 1.53 5.77 6.18
C THR A 15 2.32 6.97 5.52
N PRO A 16 3.07 6.81 4.37
CA PRO A 16 3.79 7.92 3.66
C PRO A 16 2.97 8.63 2.53
N PHE A 17 2.98 9.99 2.46
CA PHE A 17 2.04 10.85 1.62
C PHE A 17 1.70 10.58 0.12
N LEU A 18 2.29 9.57 -0.54
CA LEU A 18 1.99 9.20 -1.95
C LEU A 18 1.20 7.86 -2.02
N TYR A 19 -0.01 7.88 -2.64
CA TYR A 19 -0.83 6.66 -2.89
C TYR A 19 -0.29 5.87 -4.13
N ASP A 20 0.35 4.70 -3.88
CA ASP A 20 0.87 3.82 -4.95
C ASP A 20 -0.17 2.72 -5.30
N PHE A 21 -0.24 1.58 -4.57
CA PHE A 21 -1.20 0.47 -4.88
C PHE A 21 -2.61 0.67 -4.24
N TYR A 22 -3.22 1.87 -4.43
CA TYR A 22 -4.59 2.19 -3.96
C TYR A 22 -5.31 2.98 -5.08
N HIS A 23 -5.73 2.25 -6.14
CA HIS A 23 -6.44 2.85 -7.30
C HIS A 23 -7.49 1.79 -7.74
N TYR A 24 -8.71 1.89 -7.18
CA TYR A 24 -9.72 0.79 -7.26
C TYR A 24 -11.04 1.41 -7.76
N LEU B 2 -12.72 15.45 11.59
CA LEU B 2 -11.53 14.56 11.71
C LEU B 2 -11.14 14.03 10.30
N TYR B 3 -10.38 14.84 9.55
CA TYR B 3 -10.01 14.55 8.15
C TYR B 3 -8.64 13.82 8.14
N GLU B 4 -8.67 12.47 8.00
CA GLU B 4 -7.46 11.63 7.99
C GLU B 4 -6.69 11.83 6.66
N ASN B 5 -5.43 12.32 6.75
CA ASN B 5 -4.50 12.27 5.60
C ASN B 5 -3.84 10.86 5.60
N LYS B 6 -4.32 9.99 4.70
CA LYS B 6 -4.10 8.51 4.78
C LYS B 6 -3.35 7.93 3.54
N PRO B 7 -2.04 8.17 3.32
CA PRO B 7 -1.37 7.73 2.08
C PRO B 7 -0.71 6.31 2.21
N ARG B 8 -1.23 5.34 1.45
CA ARG B 8 -0.94 3.90 1.67
C ARG B 8 0.20 3.35 0.75
N ARG B 9 0.91 2.33 1.26
CA ARG B 9 2.14 1.76 0.64
C ARG B 9 1.92 0.74 -0.53
N PRO B 10 2.96 0.28 -1.28
CA PRO B 10 2.83 -0.79 -2.31
C PRO B 10 2.65 -2.23 -1.74
N TYR B 11 1.40 -2.58 -1.39
CA TYR B 11 1.04 -3.94 -0.90
C TYR B 11 0.53 -4.81 -2.08
N ILE B 12 1.44 -5.56 -2.73
CA ILE B 12 1.11 -6.38 -3.92
C ILE B 12 0.52 -7.74 -3.46
N LEU B 13 -0.78 -7.93 -3.75
CA LEU B 13 -1.52 -9.18 -3.44
C LEU B 13 -1.13 -10.36 -4.37
N VAL A 1 -3.07 -10.31 -5.41
CA VAL A 1 -1.87 -9.53 -5.87
C VAL A 1 -2.21 -8.05 -6.19
N ARG A 2 -2.78 -7.33 -5.21
CA ARG A 2 -3.12 -5.90 -5.38
C ARG A 2 -3.28 -5.21 -4.00
N ARG A 3 -3.00 -3.91 -3.91
CA ARG A 3 -3.15 -3.18 -2.63
C ARG A 3 -4.64 -2.83 -2.35
N LEU A 4 -5.39 -3.82 -1.84
CA LEU A 4 -6.83 -3.65 -1.58
C LEU A 4 -7.24 -4.49 -0.35
N MET A 5 -7.97 -3.89 0.59
CA MET A 5 -8.45 -4.61 1.78
C MET A 5 -9.68 -5.49 1.44
N PHE A 6 -9.44 -6.78 1.21
CA PHE A 6 -10.51 -7.71 0.81
C PHE A 6 -11.48 -8.06 1.98
N SER A 7 -11.00 -8.77 3.00
CA SER A 7 -11.85 -9.13 4.17
C SER A 7 -11.07 -8.86 5.48
N TYR A 8 -10.19 -9.78 5.90
CA TYR A 8 -9.40 -9.61 7.14
C TYR A 8 -7.94 -9.23 6.81
N ILE A 9 -7.68 -7.92 6.71
CA ILE A 9 -6.33 -7.42 6.41
C ILE A 9 -5.51 -7.26 7.72
N SER A 10 -4.23 -7.64 7.68
CA SER A 10 -3.35 -7.54 8.86
C SER A 10 -2.84 -6.12 9.19
N ASP A 11 -2.27 -5.42 8.20
CA ASP A 11 -1.74 -4.06 8.42
C ASP A 11 -2.15 -3.04 7.32
N GLU A 12 -2.66 -1.89 7.78
CA GLU A 12 -2.92 -0.74 6.87
C GLU A 12 -2.16 0.48 7.47
N GLN A 13 -0.85 0.33 7.73
CA GLN A 13 -0.03 1.40 8.35
C GLN A 13 1.24 1.79 7.56
N TRP A 14 1.85 0.86 6.80
CA TRP A 14 3.10 1.17 6.06
C TRP A 14 2.87 2.11 4.86
N THR A 15 2.88 3.43 5.11
CA THR A 15 2.66 4.44 4.05
C THR A 15 3.93 5.31 3.83
N PRO A 16 4.90 4.93 2.97
CA PRO A 16 6.10 5.75 2.73
C PRO A 16 5.85 6.92 1.75
N PHE A 17 6.80 7.86 1.69
CA PHE A 17 6.68 9.01 0.77
C PHE A 17 6.77 8.60 -0.73
N LEU A 18 7.81 7.86 -1.10
CA LEU A 18 7.95 7.37 -2.49
C LEU A 18 7.34 5.96 -2.57
N TYR A 19 6.02 5.90 -2.80
CA TYR A 19 5.30 4.61 -2.87
C TYR A 19 5.31 4.05 -4.32
N ASP A 20 6.36 3.29 -4.65
CA ASP A 20 6.49 2.71 -6.00
C ASP A 20 5.65 1.42 -6.13
N PHE A 21 4.53 1.52 -6.87
CA PHE A 21 3.64 0.36 -7.08
C PHE A 21 3.51 0.05 -8.59
N TYR A 22 3.07 1.01 -9.42
CA TYR A 22 2.93 0.79 -10.88
C TYR A 22 4.30 1.01 -11.57
N HIS A 23 5.21 0.04 -11.41
CA HIS A 23 6.57 0.14 -12.00
C HIS A 23 6.67 -0.57 -13.37
N TYR A 24 6.49 -1.89 -13.42
CA TYR A 24 6.56 -2.63 -14.70
C TYR A 24 5.74 -3.92 -14.55
N LEU B 2 -7.75 19.99 1.79
CA LEU B 2 -8.74 18.89 1.92
C LEU B 2 -8.53 17.86 0.79
N TYR B 3 -7.72 16.84 1.07
CA TYR B 3 -7.44 15.77 0.08
C TYR B 3 -7.65 14.36 0.69
N GLU B 4 -7.47 13.31 -0.13
CA GLU B 4 -7.63 11.92 0.35
C GLU B 4 -6.43 11.47 1.21
N ASN B 5 -6.62 11.47 2.54
CA ASN B 5 -5.55 11.03 3.46
C ASN B 5 -5.85 9.59 3.93
N LYS B 6 -5.28 8.63 3.21
CA LYS B 6 -5.39 7.19 3.53
C LYS B 6 -3.97 6.55 3.54
N PRO B 7 -3.73 5.37 4.14
CA PRO B 7 -2.39 4.74 4.12
C PRO B 7 -2.04 4.22 2.70
N ARG B 8 -1.15 4.96 2.03
CA ARG B 8 -0.73 4.63 0.64
C ARG B 8 0.42 3.59 0.68
N ARG B 9 0.05 2.32 0.82
CA ARG B 9 1.03 1.22 0.94
C ARG B 9 1.28 0.48 -0.40
N PRO B 10 2.52 0.36 -0.93
CA PRO B 10 2.78 -0.36 -2.19
C PRO B 10 3.00 -1.88 -1.94
N TYR B 11 1.93 -2.61 -1.64
CA TYR B 11 2.03 -4.05 -1.34
C TYR B 11 1.03 -4.85 -2.20
N ILE B 12 1.53 -5.85 -2.93
CA ILE B 12 0.68 -6.70 -3.78
C ILE B 12 0.03 -7.84 -2.96
N LEU B 13 -1.13 -7.57 -2.36
CA LEU B 13 -1.86 -8.57 -1.54
C LEU B 13 -2.73 -9.47 -2.43
N VAL A 1 1.30 -11.77 -13.48
CA VAL A 1 2.61 -11.45 -12.87
C VAL A 1 2.36 -11.00 -11.41
N ARG A 2 1.85 -9.77 -11.19
CA ARG A 2 1.58 -9.22 -9.84
C ARG A 2 0.21 -9.71 -9.30
N ARG A 3 0.12 -9.80 -7.96
CA ARG A 3 -1.14 -10.18 -7.26
C ARG A 3 -2.10 -8.97 -7.18
N LEU A 4 -3.40 -9.23 -7.41
CA LEU A 4 -4.43 -8.17 -7.50
C LEU A 4 -4.92 -7.76 -6.09
N MET A 5 -4.31 -6.69 -5.55
CA MET A 5 -4.65 -6.14 -4.21
C MET A 5 -5.53 -4.89 -4.42
N PHE A 6 -6.85 -5.05 -4.23
CA PHE A 6 -7.84 -3.95 -4.39
C PHE A 6 -8.17 -3.33 -3.00
N SER A 7 -8.98 -4.02 -2.17
CA SER A 7 -9.40 -3.54 -0.84
C SER A 7 -9.23 -4.71 0.17
N TYR A 8 -8.00 -4.89 0.65
CA TYR A 8 -7.64 -6.00 1.59
C TYR A 8 -6.94 -5.40 2.82
N ILE A 9 -7.16 -6.04 3.98
CA ILE A 9 -6.58 -5.60 5.28
C ILE A 9 -5.14 -6.18 5.35
N SER A 10 -4.15 -5.32 5.03
CA SER A 10 -2.72 -5.67 5.08
C SER A 10 -2.08 -5.10 6.37
N ASP A 11 -1.08 -5.84 6.90
CA ASP A 11 -0.32 -5.45 8.12
C ASP A 11 0.62 -4.25 7.82
N GLU A 12 0.25 -3.06 8.35
CA GLU A 12 1.03 -1.82 8.15
C GLU A 12 2.10 -1.70 9.27
N GLN A 13 3.30 -2.27 9.01
CA GLN A 13 4.47 -2.16 9.92
C GLN A 13 5.15 -0.77 9.82
N TRP A 14 5.68 -0.41 8.64
CA TRP A 14 6.32 0.90 8.38
C TRP A 14 5.27 1.86 7.77
N THR A 15 5.18 3.07 8.35
CA THR A 15 4.27 4.15 7.85
C THR A 15 4.83 4.73 6.51
N PRO A 16 4.11 4.70 5.35
CA PRO A 16 4.60 5.24 4.06
C PRO A 16 5.02 6.74 4.07
N PHE A 17 6.34 6.95 4.09
CA PHE A 17 6.95 8.31 4.11
C PHE A 17 7.11 8.93 2.69
N LEU A 18 7.64 8.15 1.72
CA LEU A 18 7.75 8.58 0.31
C LEU A 18 6.38 8.52 -0.43
N TYR A 19 6.28 9.31 -1.51
CA TYR A 19 5.03 9.42 -2.30
C TYR A 19 4.82 8.16 -3.17
N ASP A 20 3.64 7.57 -3.00
CA ASP A 20 3.15 6.42 -3.82
C ASP A 20 2.83 6.82 -5.29
N PHE A 21 2.59 5.82 -6.17
CA PHE A 21 2.32 6.06 -7.61
C PHE A 21 0.82 6.41 -7.85
N TYR A 22 0.52 7.71 -7.75
CA TYR A 22 -0.86 8.26 -7.93
C TYR A 22 -0.86 9.34 -9.06
N HIS A 23 -2.06 9.62 -9.59
CA HIS A 23 -2.27 10.67 -10.63
C HIS A 23 -3.23 11.76 -10.09
N TYR A 24 -2.68 12.73 -9.34
CA TYR A 24 -3.47 13.84 -8.74
C TYR A 24 -2.50 15.01 -8.48
N LEU B 2 -5.89 22.00 -2.94
CA LEU B 2 -6.33 20.88 -2.04
C LEU B 2 -5.68 19.52 -2.45
N TYR B 3 -4.35 19.41 -2.27
CA TYR B 3 -3.58 18.20 -2.70
C TYR B 3 -2.91 17.59 -1.45
N GLU B 4 -3.68 16.74 -0.75
CA GLU B 4 -3.20 16.02 0.45
C GLU B 4 -3.12 14.52 0.06
N ASN B 5 -1.88 14.00 -0.05
CA ASN B 5 -1.67 12.56 -0.28
C ASN B 5 -1.80 11.78 1.05
N LYS B 6 -2.61 10.72 0.99
CA LYS B 6 -2.80 9.78 2.13
C LYS B 6 -1.70 8.68 2.12
N PRO B 7 -1.21 8.14 3.29
CA PRO B 7 -0.14 7.11 3.32
C PRO B 7 -0.62 5.71 2.84
N ARG B 8 -0.53 5.49 1.52
CA ARG B 8 -0.99 4.24 0.87
C ARG B 8 0.26 3.36 0.64
N ARG B 9 0.27 2.20 1.32
CA ARG B 9 1.37 1.21 1.24
C ARG B 9 1.44 0.50 -0.15
N PRO B 10 2.56 0.55 -0.94
CA PRO B 10 2.68 -0.23 -2.21
C PRO B 10 2.92 -1.75 -1.96
N TYR B 11 1.82 -2.50 -1.83
CA TYR B 11 1.84 -3.92 -1.42
C TYR B 11 0.84 -4.73 -2.29
N ILE B 12 1.31 -5.91 -2.72
CA ILE B 12 0.53 -6.82 -3.61
C ILE B 12 0.29 -8.18 -2.89
N LEU B 13 -0.60 -8.22 -1.87
CA LEU B 13 -1.07 -9.46 -1.18
C LEU B 13 0.02 -10.37 -0.57
#